data_9DG1
#
_entry.id   9DG1
#
_cell.length_a   1.00
_cell.length_b   1.00
_cell.length_c   1.00
_cell.angle_alpha   90.00
_cell.angle_beta   90.00
_cell.angle_gamma   90.00
#
_symmetry.space_group_name_H-M   'P 1'
#
loop_
_entity.id
_entity.type
_entity.pdbx_description
1 polymer 'Plastid replication-repair enzyme'
2 polymer "DNA (5'-D(P*AP*CP*TP*CP*TP*AP*CP*GP*GP*AP*TP*GP*CP*CP*TP*CP*AP*CP*AP*G)-3')"
3 polymer "DNA (5'-D(*AP*CP*TP*GP*TP*GP*AP*GP*GP*CP*AP*TP*CP*CP*GP*TP*AP*GP*(2DA))-3')"
#
loop_
_entity_poly.entity_id
_entity_poly.type
_entity_poly.pdbx_seq_one_letter_code
_entity_poly.pdbx_strand_id
1 'polypeptide(L)'
;DEITKKYIKDNIINVDDNIIKKKDIFKLKNENNEITECAFEYFESKKKFDDDIESRFFIINDNNYNENINLIYKDIKYCG
LNIQTTGLEVFDENIRLIQIAVENYPVIIYDMFNINKKDILDGLRKVLENKNIIKIIQNGKFDAKFLLHNNFKIENIFDT
YIASKLLDKNKNMYGFKLNNIVEKYLNVILDKQQQNSVWNNSLLNNNQLFYAARDSSCLLKLYKKLKEEIKKENLHIVND
IENKCILPICDMELNGIKVDLENLQKSTNEILNELNIEKDNLKKKLKDENINVNSQQQVLKALQKNNVRDISNKLIENTS
DSNLKNFLNHEEIISLRNYRRLYKLYSAFYLKLPLHINTKTNKIHTTFNQLKTFSGRFSSEKPNLQQIPRQKNIREIFIP
NDNNIFIIADFKQIELKIAAEITNDEIMLKAYNNNIDLHTLTASIITKKNIPDINKEDRHIAKAINFGLIYGMNYVNLKN
YANTYYGLNMSLDQCLYFYNSFFEHYKGIYKWHNQVKQKRALQYSTLSNRKVIFPYFSFTKALNYPVQGTCADILKLALV
DLYDNLKDINGKIILCVHDEIIIEVNKKFQEEALKILVQSMENSASYFLKKVKCEVSVKIAENWGSKD
;
A
2 'polydeoxyribonucleotide'
;(DG)(DC)(DA)(DG)(DT)(DC)(DA)(DG)(DC)(DT)(DC)(DT)(DA)(DC)(DG)(DG)(DA)(DT)(DG)(DC)
(DC)(DT)(DC)(DA)(DC)(DA)(DG)(DC)(DA)
;
E
3 'polydeoxyribonucleotide'
;(DT)(DA)(DC)(DT)(DG)(DT)(DG)(DA)(DG)(DG)(DC)(DA)(DT)(DC)(DC)(DG)(DT)(DA)(DG)
(2DA)
;
F
#
# COMPACT_ATOMS: atom_id res chain seq x y z
N ASP A 50 20.40 29.55 -20.69
CA ASP A 50 19.19 30.04 -21.36
C ASP A 50 17.98 29.87 -20.45
N ASP A 51 18.16 30.20 -19.17
CA ASP A 51 17.09 30.08 -18.18
C ASP A 51 17.43 30.98 -16.99
N ASP A 52 16.60 30.90 -15.96
CA ASP A 52 16.75 31.73 -14.77
C ASP A 52 17.06 30.89 -13.53
N ILE A 53 17.56 29.67 -13.71
CA ILE A 53 17.96 28.85 -12.59
C ILE A 53 19.33 29.30 -12.11
N GLU A 54 19.46 29.48 -10.79
CA GLU A 54 20.73 29.90 -10.22
C GLU A 54 21.82 28.90 -10.53
N SER A 55 22.87 29.36 -11.22
CA SER A 55 23.94 28.47 -11.69
C SER A 55 25.31 28.81 -11.11
N ARG A 56 25.43 29.88 -10.33
CA ARG A 56 26.67 30.14 -9.62
C ARG A 56 26.71 29.32 -8.34
N PHE A 57 27.90 29.22 -7.74
CA PHE A 57 28.01 28.43 -6.52
C PHE A 57 29.26 28.81 -5.74
N PHE A 58 29.16 28.67 -4.42
CA PHE A 58 30.32 28.61 -3.54
C PHE A 58 30.70 27.15 -3.34
N ILE A 59 31.99 26.89 -3.17
CA ILE A 59 32.48 25.56 -2.82
C ILE A 59 33.16 25.65 -1.47
N ILE A 60 32.85 24.69 -0.59
CA ILE A 60 33.30 24.69 0.79
C ILE A 60 34.29 23.55 0.97
N ASN A 61 35.49 23.89 1.45
CA ASN A 61 36.49 22.90 1.77
C ASN A 61 37.28 23.41 2.98
N ASP A 62 38.26 22.61 3.42
CA ASP A 62 39.03 22.97 4.59
C ASP A 62 39.90 24.19 4.32
N ASN A 63 40.36 24.36 3.09
CA ASN A 63 41.34 25.39 2.76
C ASN A 63 40.72 26.76 2.59
N ASN A 64 39.43 26.84 2.22
CA ASN A 64 38.79 28.12 1.93
C ASN A 64 37.60 28.41 2.83
N TYR A 65 37.35 27.58 3.84
CA TYR A 65 36.16 27.73 4.68
C TYR A 65 36.08 29.14 5.26
N ASN A 66 35.06 29.89 4.83
CA ASN A 66 34.80 31.23 5.34
C ASN A 66 33.55 31.17 6.22
N GLU A 67 33.73 31.35 7.52
CA GLU A 67 32.62 31.23 8.46
C GLU A 67 31.46 32.15 8.10
N ASN A 68 31.76 33.36 7.58
CA ASN A 68 30.73 34.33 7.25
C ASN A 68 29.71 33.80 6.26
N ILE A 69 30.01 32.68 5.59
CA ILE A 69 29.06 32.09 4.66
C ILE A 69 27.78 31.70 5.39
N ASN A 70 27.91 31.29 6.65
CA ASN A 70 26.74 30.89 7.43
C ASN A 70 25.79 32.06 7.64
N LEU A 71 26.26 33.30 7.47
CA LEU A 71 25.37 34.44 7.63
C LEU A 71 24.35 34.50 6.51
N ILE A 72 24.53 33.71 5.45
CA ILE A 72 23.51 33.61 4.41
C ILE A 72 22.30 32.86 4.96
N TYR A 73 22.51 31.97 5.93
CA TYR A 73 21.42 31.18 6.51
C TYR A 73 20.52 31.99 7.43
N LYS A 74 20.88 33.24 7.72
CA LYS A 74 20.16 34.01 8.74
C LYS A 74 18.78 34.39 8.22
N ASP A 75 17.75 33.95 8.95
CA ASP A 75 16.35 34.33 8.75
C ASP A 75 15.81 33.85 7.40
N ILE A 76 16.15 32.65 6.96
CA ILE A 76 15.55 32.09 5.76
C ILE A 76 14.38 31.19 6.14
N LYS A 77 13.43 31.05 5.22
CA LYS A 77 12.26 30.20 5.44
C LYS A 77 12.32 28.88 4.68
N TYR A 78 12.93 28.86 3.49
CA TYR A 78 13.05 27.64 2.72
C TYR A 78 14.31 27.71 1.87
N CYS A 79 14.78 26.54 1.45
CA CYS A 79 15.96 26.43 0.61
C CYS A 79 15.91 25.11 -0.15
N GLY A 80 16.41 25.13 -1.38
CA GLY A 80 16.56 23.90 -2.14
C GLY A 80 17.74 23.11 -1.62
N LEU A 81 17.52 21.82 -1.39
CA LEU A 81 18.54 20.90 -0.90
C LEU A 81 18.70 19.72 -1.83
N ASN A 82 19.94 19.45 -2.25
CA ASN A 82 20.26 18.24 -3.00
C ASN A 82 21.63 17.77 -2.56
N ILE A 83 21.93 16.50 -2.85
CA ILE A 83 23.23 15.91 -2.60
C ILE A 83 23.66 15.11 -3.82
N GLN A 84 24.96 14.88 -3.93
CA GLN A 84 25.54 13.96 -4.89
C GLN A 84 26.24 12.85 -4.13
N THR A 85 25.94 11.60 -4.48
CA THR A 85 26.54 10.44 -3.85
C THR A 85 27.41 9.69 -4.85
N THR A 86 28.24 8.80 -4.32
CA THR A 86 29.07 7.92 -5.14
C THR A 86 28.34 6.67 -5.59
N GLY A 87 27.18 6.37 -5.04
CA GLY A 87 26.41 5.23 -5.50
C GLY A 87 25.03 5.22 -4.91
N LEU A 88 24.34 4.08 -5.09
CA LEU A 88 22.93 3.96 -4.75
C LEU A 88 22.66 3.39 -3.36
N GLU A 89 23.57 2.59 -2.81
CA GLU A 89 23.33 1.94 -1.53
C GLU A 89 23.83 2.83 -0.40
N VAL A 90 22.91 3.23 0.49
CA VAL A 90 23.26 4.17 1.54
C VAL A 90 24.30 3.58 2.47
N PHE A 91 24.33 2.25 2.60
CA PHE A 91 25.26 1.58 3.51
C PHE A 91 26.64 1.42 2.91
N ASP A 92 26.74 1.34 1.58
CA ASP A 92 28.00 1.11 0.89
C ASP A 92 28.64 2.34 0.27
N GLU A 93 27.99 3.51 0.33
CA GLU A 93 28.43 4.65 -0.46
C GLU A 93 28.57 5.87 0.44
N ASN A 94 29.19 6.91 -0.12
CA ASN A 94 29.49 8.14 0.61
C ASN A 94 28.88 9.35 -0.09
N ILE A 95 28.69 10.41 0.70
CA ILE A 95 28.24 11.70 0.20
C ILE A 95 29.41 12.48 -0.36
N ARG A 96 29.40 12.72 -1.67
CA ARG A 96 30.45 13.44 -2.38
C ARG A 96 30.25 14.95 -2.26
N LEU A 97 29.00 15.39 -2.36
CA LEU A 97 28.71 16.82 -2.28
C LEU A 97 27.44 17.05 -1.46
N ILE A 98 27.34 18.26 -0.91
CA ILE A 98 26.10 18.76 -0.33
C ILE A 98 25.83 20.14 -0.89
N GLN A 99 24.61 20.33 -1.40
CA GLN A 99 24.23 21.57 -2.03
C GLN A 99 23.12 22.25 -1.23
N ILE A 100 23.29 23.55 -0.99
CA ILE A 100 22.28 24.37 -0.32
C ILE A 100 22.09 25.63 -1.14
N ALA A 101 20.91 25.79 -1.72
CA ALA A 101 20.59 26.97 -2.51
C ALA A 101 19.72 27.93 -1.73
N VAL A 102 20.27 29.08 -1.37
CA VAL A 102 19.53 30.16 -0.74
C VAL A 102 19.10 31.16 -1.82
N GLU A 103 17.86 31.65 -1.71
CA GLU A 103 17.33 32.55 -2.73
C GLU A 103 18.26 33.72 -2.97
N ASN A 104 18.54 33.98 -4.25
CA ASN A 104 19.32 35.12 -4.75
C ASN A 104 20.81 34.98 -4.47
N TYR A 105 21.27 33.82 -3.99
CA TYR A 105 22.68 33.62 -3.75
C TYR A 105 23.18 32.42 -4.55
N PRO A 106 24.46 32.44 -4.94
CA PRO A 106 25.06 31.21 -5.47
C PRO A 106 24.98 30.07 -4.47
N VAL A 107 24.88 28.86 -4.98
CA VAL A 107 24.67 27.69 -4.13
C VAL A 107 25.91 27.42 -3.29
N ILE A 108 25.69 27.16 -2.01
CA ILE A 108 26.78 26.78 -1.11
C ILE A 108 26.98 25.28 -1.24
N ILE A 109 28.14 24.87 -1.74
CA ILE A 109 28.43 23.46 -1.98
C ILE A 109 29.53 23.00 -1.04
N TYR A 110 29.18 22.10 -0.14
CA TYR A 110 30.13 21.49 0.77
C TYR A 110 30.73 20.28 0.07
N ASP A 111 32.03 20.37 -0.21
CA ASP A 111 32.80 19.28 -0.81
C ASP A 111 33.18 18.33 0.32
N MET A 112 32.38 17.28 0.47
CA MET A 112 32.51 16.42 1.65
C MET A 112 33.77 15.58 1.59
N PHE A 113 34.25 15.26 0.39
CA PHE A 113 35.50 14.51 0.32
C PHE A 113 36.69 15.38 0.67
N ASN A 114 36.49 16.69 0.79
CA ASN A 114 37.55 17.62 1.13
C ASN A 114 37.15 18.53 2.29
N ILE A 115 36.46 17.97 3.28
CA ILE A 115 36.09 18.65 4.52
C ILE A 115 36.39 17.68 5.66
N ASN A 116 37.12 18.14 6.66
CA ASN A 116 37.44 17.31 7.82
C ASN A 116 37.25 17.99 9.15
N LYS A 117 36.98 19.30 9.17
CA LYS A 117 36.69 19.99 10.42
C LYS A 117 35.18 19.99 10.64
N LYS A 118 34.74 19.50 11.81
CA LYS A 118 33.31 19.44 12.09
C LYS A 118 32.69 20.83 12.14
N ASP A 119 33.47 21.84 12.53
CA ASP A 119 32.94 23.19 12.65
C ASP A 119 32.36 23.69 11.33
N ILE A 120 32.90 23.21 10.20
CA ILE A 120 32.48 23.71 8.91
C ILE A 120 31.03 23.35 8.68
N LEU A 121 30.58 22.22 9.23
CA LEU A 121 29.22 21.76 9.01
C LEU A 121 28.29 22.21 10.12
N ASP A 122 28.80 22.95 11.12
CA ASP A 122 27.97 23.35 12.25
C ASP A 122 26.77 24.15 11.78
N GLY A 123 27.00 25.27 11.11
CA GLY A 123 25.89 26.06 10.59
C GLY A 123 25.01 25.24 9.67
N LEU A 124 25.63 24.27 8.98
CA LEU A 124 24.87 23.37 8.12
C LEU A 124 23.93 22.56 8.99
N ARG A 125 24.47 21.91 10.02
CA ARG A 125 23.62 21.12 10.89
C ARG A 125 22.49 21.98 11.44
N LYS A 126 22.78 23.27 11.69
CA LYS A 126 21.74 24.13 12.25
C LYS A 126 20.61 24.26 11.25
N VAL A 127 20.94 24.50 9.99
CA VAL A 127 19.92 24.58 8.96
C VAL A 127 19.13 23.29 8.98
N LEU A 128 19.84 22.16 8.98
CA LEU A 128 19.19 20.87 8.97
C LEU A 128 18.30 20.72 10.20
N GLU A 129 18.81 21.10 11.37
CA GLU A 129 18.05 20.92 12.59
C GLU A 129 16.90 21.91 12.71
N ASN A 130 17.01 23.09 12.10
CA ASN A 130 16.01 24.14 12.28
C ASN A 130 14.65 23.69 11.76
N LYS A 131 13.74 23.41 12.69
CA LYS A 131 12.40 22.97 12.35
C LYS A 131 11.58 24.05 11.64
N ASN A 132 12.08 25.28 11.56
CA ASN A 132 11.38 26.38 10.93
C ASN A 132 11.89 26.73 9.55
N ILE A 133 12.82 25.95 8.99
CA ILE A 133 13.28 26.12 7.62
C ILE A 133 12.87 24.90 6.82
N ILE A 134 12.08 25.13 5.78
CA ILE A 134 11.66 24.09 4.85
C ILE A 134 12.86 23.72 3.98
N LYS A 135 13.18 22.42 3.90
CA LYS A 135 14.17 21.94 2.95
C LYS A 135 13.46 21.41 1.71
N ILE A 136 13.66 22.09 0.59
CA ILE A 136 13.13 21.67 -0.70
C ILE A 136 14.11 20.65 -1.27
N ILE A 137 13.63 19.45 -1.59
CA ILE A 137 14.51 18.38 -2.07
C ILE A 137 13.91 17.68 -3.27
N GLN A 138 14.77 17.19 -4.17
CA GLN A 138 14.39 16.26 -5.23
C GLN A 138 14.91 14.88 -4.87
N ASN A 139 13.99 13.92 -4.74
CA ASN A 139 14.29 12.58 -4.22
C ASN A 139 14.69 12.67 -2.76
N GLY A 140 13.70 13.04 -1.94
CA GLY A 140 13.94 13.28 -0.53
C GLY A 140 14.28 12.04 0.27
N LYS A 141 13.73 10.89 -0.12
CA LYS A 141 14.05 9.66 0.60
C LYS A 141 15.53 9.31 0.48
N PHE A 142 16.09 9.45 -0.72
CA PHE A 142 17.49 9.12 -0.94
C PHE A 142 18.41 10.02 -0.12
N ASP A 143 18.17 11.33 -0.19
CA ASP A 143 19.04 12.27 0.51
C ASP A 143 18.87 12.14 2.02
N ALA A 144 17.62 12.05 2.49
CA ALA A 144 17.39 11.90 3.91
C ALA A 144 18.03 10.62 4.42
N LYS A 145 17.97 9.54 3.63
CA LYS A 145 18.61 8.29 4.00
C LYS A 145 20.10 8.49 4.23
N PHE A 146 20.77 9.13 3.25
CA PHE A 146 22.19 9.40 3.40
C PHE A 146 22.48 10.28 4.62
N LEU A 147 21.71 11.34 4.81
CA LEU A 147 21.96 12.25 5.93
C LEU A 147 21.78 11.54 7.26
N LEU A 148 20.76 10.68 7.37
CA LEU A 148 20.55 9.95 8.62
C LEU A 148 21.67 8.96 8.86
N HIS A 149 22.08 8.22 7.83
CA HIS A 149 23.15 7.25 8.01
C HIS A 149 24.46 7.92 8.39
N ASN A 150 24.66 9.18 8.00
CA ASN A 150 25.85 9.94 8.34
C ASN A 150 25.66 10.82 9.57
N ASN A 151 24.72 10.46 10.46
CA ASN A 151 24.48 11.16 11.72
C ASN A 151 24.15 12.64 11.51
N PHE A 152 23.30 12.93 10.55
CA PHE A 152 22.68 14.24 10.40
C PHE A 152 21.20 14.14 10.70
N LYS A 153 20.70 15.10 11.49
CA LYS A 153 19.29 15.18 11.80
C LYS A 153 18.63 16.18 10.87
N ILE A 154 17.43 15.86 10.42
CA ILE A 154 16.70 16.68 9.45
C ILE A 154 15.21 16.60 9.74
N GLU A 155 14.51 17.70 9.50
CA GLU A 155 13.06 17.78 9.67
C GLU A 155 12.55 18.90 8.77
N ASN A 156 11.32 18.70 8.27
CA ASN A 156 10.65 19.64 7.35
C ASN A 156 11.25 19.53 5.95
N ILE A 157 10.60 18.71 5.12
CA ILE A 157 11.08 18.40 3.78
C ILE A 157 9.92 18.58 2.82
N PHE A 158 10.21 19.07 1.61
CA PHE A 158 9.29 19.22 0.47
C PHE A 158 9.85 18.50 -0.76
N ASP A 159 9.40 17.27 -1.08
CA ASP A 159 9.93 16.53 -2.22
C ASP A 159 9.13 16.93 -3.46
N THR A 160 9.78 17.66 -4.36
CA THR A 160 9.17 18.10 -5.62
C THR A 160 8.76 16.96 -6.56
N TYR A 161 9.40 15.79 -6.46
CA TYR A 161 9.00 14.66 -7.30
C TYR A 161 7.64 14.08 -6.92
N ILE A 162 7.35 13.98 -5.62
CA ILE A 162 6.04 13.47 -5.20
C ILE A 162 4.95 14.43 -5.62
N ALA A 163 5.19 15.73 -5.46
CA ALA A 163 4.22 16.75 -5.86
C ALA A 163 3.99 16.71 -7.37
N SER A 164 5.07 16.58 -8.15
CA SER A 164 4.93 16.53 -9.61
C SER A 164 4.14 15.28 -10.02
N LYS A 165 4.39 14.16 -9.35
CA LYS A 165 3.69 12.92 -9.66
C LYS A 165 2.21 13.09 -9.36
N LEU A 166 1.88 13.89 -8.34
CA LEU A 166 0.50 14.30 -8.02
C LEU A 166 -0.09 15.32 -8.98
N LEU A 167 0.70 16.25 -9.50
CA LEU A 167 0.27 17.04 -10.65
C LEU A 167 -0.05 16.13 -11.85
N ASP A 168 0.51 14.92 -11.89
CA ASP A 168 0.29 14.07 -13.04
C ASP A 168 -0.96 13.20 -12.83
N LYS A 169 -1.44 13.07 -11.59
CA LYS A 169 -2.65 12.32 -11.24
C LYS A 169 -2.63 10.86 -11.74
N ASN A 170 -1.45 10.23 -11.81
CA ASN A 170 -1.31 8.85 -12.24
C ASN A 170 -1.77 8.67 -13.68
N LYS A 171 -1.53 9.69 -14.51
CA LYS A 171 -1.79 9.55 -15.94
C LYS A 171 -0.57 9.02 -16.67
N ASN A 172 0.62 9.17 -16.08
CA ASN A 172 1.87 8.71 -16.65
C ASN A 172 2.07 9.26 -18.07
N MET A 173 1.66 10.52 -18.24
CA MET A 173 1.88 11.23 -19.49
C MET A 173 3.20 12.02 -19.43
N GLN A 208 30.13 19.01 -13.08
CA GLN A 208 29.42 18.36 -11.98
C GLN A 208 28.84 19.36 -11.00
N LEU A 209 29.58 20.46 -10.78
CA LEU A 209 29.16 21.43 -9.77
C LEU A 209 28.06 22.35 -10.30
N PHE A 210 28.16 22.78 -11.56
CA PHE A 210 27.08 23.54 -12.18
C PHE A 210 25.77 22.77 -12.19
N TYR A 211 25.85 21.44 -12.36
CA TYR A 211 24.65 20.61 -12.31
C TYR A 211 24.11 20.52 -10.89
N ALA A 212 24.99 20.35 -9.91
CA ALA A 212 24.56 20.26 -8.52
C ALA A 212 23.97 21.59 -8.05
N ALA A 213 24.41 22.69 -8.65
CA ALA A 213 23.90 24.02 -8.31
C ALA A 213 22.55 24.26 -8.96
N ARG A 214 22.42 23.94 -10.24
CA ARG A 214 21.15 24.21 -10.89
C ARG A 214 20.07 23.28 -10.36
N ASP A 215 20.43 22.05 -9.97
CA ASP A 215 19.45 21.13 -9.41
C ASP A 215 19.11 21.50 -7.97
N SER A 216 20.05 22.11 -7.25
CA SER A 216 19.73 22.61 -5.92
C SER A 216 18.83 23.85 -5.98
N SER A 217 19.02 24.71 -6.98
CA SER A 217 18.31 25.98 -7.00
C SER A 217 16.97 25.89 -7.72
N CYS A 218 16.83 24.99 -8.70
CA CYS A 218 15.54 24.78 -9.36
C CYS A 218 14.47 24.39 -8.35
N LEU A 219 14.87 23.76 -7.25
CA LEU A 219 13.93 23.36 -6.21
C LEU A 219 13.20 24.56 -5.63
N LEU A 220 13.85 25.72 -5.55
CA LEU A 220 13.17 26.91 -5.03
C LEU A 220 11.97 27.29 -5.90
N LYS A 221 12.12 27.18 -7.22
CA LYS A 221 11.03 27.56 -8.11
C LYS A 221 10.00 26.45 -8.20
N LEU A 222 10.44 25.20 -8.04
CA LEU A 222 9.44 24.13 -7.99
C LEU A 222 8.61 24.30 -6.72
N TYR A 223 9.26 24.70 -5.63
CA TYR A 223 8.57 24.90 -4.35
C TYR A 223 7.53 25.99 -4.50
N LYS A 224 7.92 27.09 -5.14
CA LYS A 224 7.00 28.21 -5.35
C LYS A 224 5.79 27.78 -6.18
N LYS A 225 6.01 27.10 -7.32
CA LYS A 225 4.91 26.71 -8.22
C LYS A 225 4.09 25.55 -7.67
N LEU A 226 4.72 24.47 -7.22
CA LEU A 226 4.04 23.32 -6.61
C LEU A 226 3.27 23.71 -5.34
N LYS A 227 3.64 24.82 -4.68
CA LYS A 227 2.87 25.40 -3.57
C LYS A 227 1.77 26.39 -3.99
N GLU A 228 1.76 26.91 -5.22
CA GLU A 228 0.46 27.31 -5.81
C GLU A 228 -0.40 26.05 -5.86
N GLU A 229 0.15 24.96 -6.42
CA GLU A 229 -0.59 23.73 -6.57
C GLU A 229 -0.91 23.01 -5.25
N ILE A 230 -0.43 23.54 -4.12
CA ILE A 230 -1.09 23.39 -2.83
C ILE A 230 -2.36 24.27 -2.88
N LYS A 231 -2.40 25.39 -2.18
CA LYS A 231 -3.65 26.06 -1.78
C LYS A 231 -4.55 26.52 -2.93
N LYS A 232 -3.98 26.82 -4.10
CA LYS A 232 -4.71 27.31 -5.28
C LYS A 232 -5.65 26.26 -5.88
N GLU A 233 -5.32 24.97 -5.74
CA GLU A 233 -5.85 23.94 -6.65
C GLU A 233 -7.05 23.10 -6.17
N ASN A 234 -7.44 23.13 -4.89
CA ASN A 234 -8.21 22.07 -4.22
C ASN A 234 -7.49 20.70 -4.17
N LEU A 235 -6.77 20.34 -5.23
CA LEU A 235 -5.59 19.44 -5.18
C LEU A 235 -4.59 19.91 -4.13
N HIS A 236 -4.73 21.15 -3.60
CA HIS A 236 -4.31 21.53 -2.25
C HIS A 236 -4.29 20.38 -1.26
N ILE A 237 -5.46 19.77 -1.03
CA ILE A 237 -5.68 18.82 0.05
C ILE A 237 -4.71 17.65 -0.10
N VAL A 238 -4.80 16.96 -1.24
CA VAL A 238 -4.01 15.78 -1.55
C VAL A 238 -2.54 16.11 -1.71
N ASN A 239 -2.19 17.17 -2.43
CA ASN A 239 -0.80 17.60 -2.59
C ASN A 239 -0.19 17.86 -1.21
N ASP A 240 -0.86 18.65 -0.37
CA ASP A 240 -0.40 18.93 0.98
C ASP A 240 -0.27 17.65 1.80
N ILE A 241 -1.26 16.76 1.76
CA ILE A 241 -1.23 15.55 2.57
C ILE A 241 -0.18 14.58 2.08
N GLU A 242 -0.14 14.19 0.79
CA GLU A 242 0.99 13.41 0.30
C GLU A 242 2.31 14.09 0.63
N ASN A 243 2.39 15.40 0.50
CA ASN A 243 3.64 16.05 0.80
C ASN A 243 3.94 15.90 2.27
N LYS A 244 2.94 16.01 3.15
CA LYS A 244 3.25 15.81 4.56
C LYS A 244 3.51 14.33 4.84
N CYS A 245 3.05 13.46 3.94
CA CYS A 245 3.21 12.01 3.99
C CYS A 245 4.58 11.57 3.49
N ILE A 246 5.37 12.49 2.95
CA ILE A 246 6.71 12.14 2.48
C ILE A 246 7.50 11.53 3.62
N LEU A 247 7.44 12.17 4.80
CA LEU A 247 8.24 11.72 5.94
C LEU A 247 7.75 10.38 6.46
N PRO A 248 6.45 10.15 6.67
CA PRO A 248 5.98 8.80 7.05
C PRO A 248 6.38 7.68 6.11
N ILE A 249 6.46 7.95 4.80
CA ILE A 249 6.84 6.89 3.88
C ILE A 249 8.30 6.54 4.05
N CYS A 250 9.16 7.55 4.14
CA CYS A 250 10.56 7.30 4.47
C CYS A 250 10.68 6.53 5.78
N ASP A 251 9.90 6.92 6.79
CA ASP A 251 9.94 6.22 8.07
C ASP A 251 9.59 4.75 7.92
N MET A 252 8.54 4.45 7.15
CA MET A 252 8.11 3.07 6.96
C MET A 252 9.17 2.26 6.22
N GLU A 253 9.74 2.82 5.16
CA GLU A 253 10.70 2.04 4.38
C GLU A 253 12.02 1.86 5.12
N LEU A 254 12.43 2.88 5.87
CA LEU A 254 13.67 2.79 6.62
C LEU A 254 13.56 1.88 7.84
N ASN A 255 12.40 1.83 8.48
CA ASN A 255 12.28 0.95 9.65
C ASN A 255 12.23 -0.51 9.21
N GLY A 256 11.63 -0.78 8.06
CA GLY A 256 11.41 -2.15 7.62
C GLY A 256 10.62 -2.99 8.61
N ILE A 257 10.58 -4.29 8.36
CA ILE A 257 9.94 -5.26 9.26
C ILE A 257 10.84 -6.47 9.35
N LYS A 258 11.08 -6.96 10.57
CA LYS A 258 11.99 -8.07 10.76
C LYS A 258 11.32 -9.38 10.38
N VAL A 259 12.11 -10.31 9.85
CA VAL A 259 11.60 -11.59 9.39
C VAL A 259 12.20 -12.70 10.24
N ASP A 260 11.37 -13.63 10.70
CA ASP A 260 11.85 -14.79 11.44
C ASP A 260 12.18 -15.89 10.43
N LEU A 261 13.47 -16.07 10.13
CA LEU A 261 13.87 -17.04 9.12
C LEU A 261 13.61 -18.46 9.58
N GLU A 262 13.66 -18.70 10.89
CA GLU A 262 13.38 -20.01 11.45
C GLU A 262 12.03 -20.54 10.99
N ASN A 263 10.95 -19.82 11.33
CA ASN A 263 9.61 -20.26 10.94
C ASN A 263 9.48 -20.34 9.42
N LEU A 264 10.22 -19.50 8.70
CA LEU A 264 10.16 -19.52 7.24
C LEU A 264 10.67 -20.85 6.70
N GLN A 265 11.95 -21.13 6.91
CA GLN A 265 12.55 -22.38 6.45
C GLN A 265 11.80 -23.58 7.01
N LYS A 266 11.37 -23.51 8.28
CA LYS A 266 10.57 -24.58 8.86
C LYS A 266 9.34 -24.88 8.01
N SER A 267 8.43 -23.90 7.87
CA SER A 267 7.23 -24.10 7.08
C SER A 267 7.56 -24.51 5.65
N THR A 268 8.70 -24.05 5.12
CA THR A 268 9.14 -24.49 3.80
C THR A 268 9.38 -26.00 3.78
N ASN A 269 10.09 -26.52 4.78
CA ASN A 269 10.35 -27.95 4.88
C ASN A 269 9.05 -28.71 5.07
N GLU A 270 8.11 -28.11 5.80
CA GLU A 270 6.82 -28.75 6.08
C GLU A 270 6.04 -28.90 4.78
N ILE A 271 5.78 -27.79 4.10
CA ILE A 271 5.04 -27.82 2.84
C ILE A 271 5.77 -28.71 1.83
N LEU A 272 7.10 -28.77 1.89
CA LEU A 272 7.83 -29.66 0.98
C LEU A 272 7.52 -31.12 1.29
N ASN A 273 7.53 -31.50 2.57
CA ASN A 273 7.19 -32.87 2.94
C ASN A 273 5.75 -33.20 2.56
N GLU A 274 4.86 -32.21 2.68
CA GLU A 274 3.47 -32.41 2.25
C GLU A 274 3.38 -32.58 0.74
N LEU A 275 4.26 -31.88 0.02
CA LEU A 275 4.30 -31.99 -1.43
C LEU A 275 4.77 -33.37 -1.86
N ASN A 276 5.86 -33.85 -1.26
CA ASN A 276 6.30 -35.21 -1.57
C ASN A 276 5.25 -36.25 -1.18
N ILE A 277 4.54 -36.05 -0.05
CA ILE A 277 3.45 -36.96 0.29
C ILE A 277 2.38 -36.95 -0.81
N GLU A 278 2.06 -35.76 -1.31
CA GLU A 278 1.13 -35.62 -2.44
C GLU A 278 1.62 -36.36 -3.65
N LYS A 279 2.85 -36.09 -4.06
CA LYS A 279 3.43 -36.70 -5.25
C LYS A 279 3.34 -38.21 -5.16
N ASP A 280 3.83 -38.78 -4.07
CA ASP A 280 3.87 -40.23 -3.93
C ASP A 280 2.46 -40.81 -3.94
N ASN A 281 1.56 -40.23 -3.12
CA ASN A 281 0.22 -40.78 -2.94
C ASN A 281 -0.63 -40.56 -4.19
N LEU A 282 -0.21 -39.64 -5.06
CA LEU A 282 -0.98 -39.37 -6.27
C LEU A 282 -0.45 -40.20 -7.41
N LYS A 283 0.85 -40.44 -7.45
CA LYS A 283 1.38 -41.27 -8.54
C LYS A 283 0.99 -42.71 -8.28
N LYS A 284 0.80 -43.07 -7.00
CA LYS A 284 0.06 -44.28 -6.67
C LYS A 284 -1.40 -44.16 -7.10
N LYS A 285 -2.03 -43.00 -6.81
CA LYS A 285 -3.42 -42.81 -7.21
C LYS A 285 -3.57 -42.68 -8.72
N LEU A 286 -2.54 -42.23 -9.43
CA LEU A 286 -2.60 -42.09 -10.87
C LEU A 286 -2.27 -43.37 -11.62
N LYS A 287 -1.92 -44.45 -10.90
CA LYS A 287 -1.57 -45.74 -11.49
C LYS A 287 -0.37 -45.60 -12.45
N ASP A 288 0.52 -44.66 -12.14
CA ASP A 288 1.72 -44.43 -12.95
C ASP A 288 2.76 -43.78 -12.05
N GLU A 289 3.84 -44.52 -11.76
CA GLU A 289 4.89 -43.98 -10.91
C GLU A 289 5.89 -43.12 -11.67
N ASN A 290 5.88 -43.16 -13.00
CA ASN A 290 6.83 -42.43 -13.81
C ASN A 290 6.22 -41.23 -14.52
N ILE A 291 4.96 -40.90 -14.23
CA ILE A 291 4.30 -39.78 -14.87
C ILE A 291 4.79 -38.48 -14.25
N ASN A 292 5.01 -37.46 -15.07
CA ASN A 292 5.37 -36.13 -14.56
C ASN A 292 4.12 -35.45 -14.06
N VAL A 293 4.00 -35.32 -12.73
CA VAL A 293 2.83 -34.69 -12.13
C VAL A 293 2.74 -33.20 -12.45
N ASN A 294 3.84 -32.60 -12.89
CA ASN A 294 3.85 -31.19 -13.28
C ASN A 294 3.53 -30.98 -14.76
N SER A 295 3.44 -32.05 -15.54
CA SER A 295 3.08 -31.96 -16.95
C SER A 295 1.57 -32.11 -17.08
N GLN A 296 0.91 -31.07 -17.58
CA GLN A 296 -0.54 -31.11 -17.72
C GLN A 296 -0.98 -32.22 -18.66
N GLN A 297 -0.28 -32.37 -19.79
CA GLN A 297 -0.66 -33.37 -20.78
C GLN A 297 -0.56 -34.79 -20.23
N GLN A 298 0.52 -35.08 -19.50
CA GLN A 298 0.69 -36.42 -18.95
C GLN A 298 -0.38 -36.72 -17.91
N VAL A 299 -0.70 -35.75 -17.05
CA VAL A 299 -1.73 -35.95 -16.04
C VAL A 299 -3.08 -36.17 -16.70
N LEU A 300 -3.39 -35.39 -17.74
CA LEU A 300 -4.65 -35.55 -18.46
C LEU A 300 -4.74 -36.93 -19.09
N LYS A 301 -3.65 -37.39 -19.71
CA LYS A 301 -3.65 -38.71 -20.32
C LYS A 301 -3.82 -39.81 -19.28
N ALA A 302 -3.17 -39.66 -18.12
CA ALA A 302 -3.33 -40.65 -17.06
C ALA A 302 -4.77 -40.68 -16.54
N LEU A 303 -5.37 -39.50 -16.36
CA LEU A 303 -6.75 -39.44 -15.89
C LEU A 303 -7.70 -40.07 -16.90
N GLN A 304 -7.49 -39.79 -18.19
CA GLN A 304 -8.31 -40.43 -19.22
C GLN A 304 -8.13 -41.95 -19.20
N LYS A 305 -6.89 -42.41 -19.03
CA LYS A 305 -6.61 -43.84 -18.91
C LYS A 305 -7.25 -44.41 -17.65
N ASN A 306 -7.17 -43.65 -16.54
CA ASN A 306 -7.79 -44.08 -15.29
C ASN A 306 -9.31 -44.01 -15.36
N ASN A 307 -9.83 -43.39 -16.43
CA ASN A 307 -11.27 -43.30 -16.67
C ASN A 307 -11.96 -42.50 -15.58
N VAL A 308 -11.40 -41.34 -15.24
CA VAL A 308 -11.99 -40.49 -14.22
C VAL A 308 -13.21 -39.79 -14.81
N ARG A 309 -14.39 -40.08 -14.26
CA ARG A 309 -15.64 -39.55 -14.75
C ARG A 309 -16.45 -38.98 -13.61
N ASP A 310 -17.24 -37.94 -13.90
CA ASP A 310 -18.03 -37.28 -12.89
C ASP A 310 -19.29 -38.09 -12.60
N ILE A 311 -20.21 -37.46 -11.86
CA ILE A 311 -21.49 -38.11 -11.55
C ILE A 311 -22.28 -38.37 -12.82
N SER A 312 -22.14 -37.49 -13.82
CA SER A 312 -22.84 -37.66 -15.09
C SER A 312 -22.11 -38.61 -16.04
N ASN A 313 -21.13 -39.36 -15.55
CA ASN A 313 -20.37 -40.35 -16.31
C ASN A 313 -19.57 -39.73 -17.45
N LYS A 314 -19.35 -38.42 -17.42
CA LYS A 314 -18.60 -37.74 -18.46
C LYS A 314 -17.12 -37.75 -18.13
N LEU A 315 -16.29 -38.17 -19.08
CA LEU A 315 -14.85 -38.20 -18.88
C LEU A 315 -14.30 -36.78 -18.76
N ILE A 316 -13.27 -36.63 -17.92
CA ILE A 316 -12.68 -35.32 -17.70
C ILE A 316 -11.98 -34.84 -18.97
N GLU A 317 -12.20 -33.58 -19.31
CA GLU A 317 -11.68 -32.99 -20.54
C GLU A 317 -10.53 -32.02 -20.33
N ASN A 318 -10.49 -31.33 -19.18
CA ASN A 318 -9.43 -30.35 -18.92
C ASN A 318 -9.10 -30.37 -17.44
N THR A 319 -7.94 -29.81 -17.11
CA THR A 319 -7.39 -29.88 -15.76
C THR A 319 -7.56 -28.59 -14.98
N SER A 320 -8.42 -27.69 -15.45
CA SER A 320 -8.70 -26.47 -14.70
C SER A 320 -9.41 -26.81 -13.40
N ASP A 321 -9.09 -26.05 -12.35
CA ASP A 321 -9.63 -26.35 -11.02
C ASP A 321 -11.15 -26.28 -11.02
N SER A 322 -11.71 -25.35 -11.79
CA SER A 322 -13.17 -25.26 -11.90
C SER A 322 -13.76 -26.55 -12.46
N ASN A 323 -13.13 -27.11 -13.49
CA ASN A 323 -13.56 -28.41 -14.01
C ASN A 323 -13.26 -29.52 -13.00
N LEU A 324 -12.15 -29.40 -12.28
CA LEU A 324 -11.80 -30.40 -11.27
C LEU A 324 -12.85 -30.46 -10.16
N LYS A 325 -13.54 -29.35 -9.90
CA LYS A 325 -14.57 -29.34 -8.87
C LYS A 325 -15.72 -30.29 -9.19
N ASN A 326 -15.90 -30.65 -10.46
CA ASN A 326 -16.98 -31.53 -10.87
C ASN A 326 -16.65 -33.01 -10.73
N PHE A 327 -15.42 -33.35 -10.34
CA PHE A 327 -14.98 -34.74 -10.24
C PHE A 327 -14.49 -35.06 -8.84
N LEU A 328 -15.12 -34.49 -7.81
CA LEU A 328 -14.70 -34.73 -6.44
C LEU A 328 -15.02 -36.15 -5.96
N ASN A 329 -15.80 -36.91 -6.72
CA ASN A 329 -16.09 -38.30 -6.37
C ASN A 329 -14.88 -39.22 -6.52
N HIS A 330 -13.81 -38.72 -7.14
CA HIS A 330 -12.60 -39.50 -7.36
C HIS A 330 -11.47 -38.96 -6.48
N GLU A 331 -10.77 -39.86 -5.79
CA GLU A 331 -9.65 -39.46 -4.95
C GLU A 331 -8.50 -38.86 -5.76
N GLU A 332 -8.43 -39.14 -7.06
CA GLU A 332 -7.39 -38.55 -7.90
C GLU A 332 -7.53 -37.04 -8.01
N ILE A 333 -8.75 -36.51 -8.15
CA ILE A 333 -8.92 -35.06 -8.21
C ILE A 333 -8.62 -34.42 -6.86
N ILE A 334 -9.03 -35.10 -5.78
CA ILE A 334 -8.58 -34.77 -4.42
C ILE A 334 -7.07 -34.54 -4.39
N SER A 335 -6.30 -35.61 -4.58
CA SER A 335 -4.84 -35.54 -4.48
C SER A 335 -4.25 -34.54 -5.48
N LEU A 336 -4.77 -34.48 -6.69
CA LEU A 336 -4.22 -33.56 -7.68
C LEU A 336 -4.41 -32.11 -7.25
N ARG A 337 -5.64 -31.71 -6.93
CA ARG A 337 -5.89 -30.35 -6.48
C ARG A 337 -5.04 -30.02 -5.24
N ASN A 338 -4.86 -31.01 -4.36
CA ASN A 338 -4.06 -30.83 -3.16
C ASN A 338 -2.60 -30.55 -3.55
N TYR A 339 -2.03 -31.43 -4.36
CA TYR A 339 -0.63 -31.29 -4.77
C TYR A 339 -0.42 -29.96 -5.48
N ARG A 340 -1.37 -29.55 -6.32
CA ARG A 340 -1.23 -28.27 -7.02
C ARG A 340 -1.23 -27.11 -6.03
N ARG A 341 -2.19 -27.10 -5.11
CA ARG A 341 -2.23 -26.05 -4.09
C ARG A 341 -0.90 -25.97 -3.34
N LEU A 342 -0.43 -27.11 -2.84
CA LEU A 342 0.83 -27.13 -2.09
C LEU A 342 2.02 -26.75 -2.97
N TYR A 343 1.95 -27.09 -4.26
CA TYR A 343 3.04 -26.79 -5.18
C TYR A 343 3.16 -25.28 -5.41
N LYS A 344 2.03 -24.63 -5.70
CA LYS A 344 2.08 -23.18 -5.85
C LYS A 344 2.50 -22.51 -4.55
N LEU A 345 1.95 -22.97 -3.41
CA LEU A 345 2.35 -22.39 -2.13
C LEU A 345 3.86 -22.51 -1.90
N TYR A 346 4.43 -23.68 -2.21
CA TYR A 346 5.84 -23.91 -1.96
C TYR A 346 6.72 -23.16 -2.96
N SER A 347 6.54 -23.43 -4.25
CA SER A 347 7.42 -22.86 -5.26
C SER A 347 7.21 -21.37 -5.41
N ALA A 348 5.95 -20.94 -5.60
CA ALA A 348 5.69 -19.55 -5.89
C ALA A 348 5.95 -18.66 -4.68
N PHE A 349 5.97 -19.23 -3.48
CA PHE A 349 6.18 -18.42 -2.27
C PHE A 349 7.35 -18.94 -1.46
N TYR A 350 7.24 -20.13 -0.84
CA TYR A 350 8.31 -20.59 0.04
C TYR A 350 9.65 -20.63 -0.66
N LEU A 351 9.64 -20.84 -1.98
CA LEU A 351 10.89 -20.93 -2.73
C LEU A 351 11.31 -19.58 -3.30
N LYS A 352 10.35 -18.73 -3.65
CA LYS A 352 10.63 -17.42 -4.21
C LYS A 352 10.98 -16.37 -3.16
N LEU A 353 10.28 -16.36 -2.03
CA LEU A 353 10.48 -15.29 -1.04
C LEU A 353 11.94 -15.08 -0.63
N PRO A 354 12.72 -16.12 -0.31
CA PRO A 354 14.09 -15.85 0.15
C PRO A 354 14.94 -15.07 -0.84
N LEU A 355 14.56 -15.09 -2.12
CA LEU A 355 15.30 -14.40 -3.17
C LEU A 355 15.28 -12.89 -3.03
N HIS A 356 14.41 -12.36 -2.16
CA HIS A 356 14.40 -10.89 -1.91
C HIS A 356 14.45 -10.59 -0.41
N ILE A 357 15.66 -10.45 0.16
CA ILE A 357 15.83 -10.11 1.62
C ILE A 357 17.10 -9.26 1.78
N ASN A 358 17.17 -8.40 2.80
CA ASN A 358 18.46 -7.75 3.15
C ASN A 358 19.23 -8.64 4.14
N THR A 359 20.49 -8.30 4.41
CA THR A 359 21.32 -9.20 5.28
C THR A 359 21.92 -8.45 6.47
N LYS A 360 22.72 -7.39 6.22
CA LYS A 360 23.40 -6.79 7.36
C LYS A 360 22.46 -6.47 8.51
N THR A 361 21.14 -6.47 8.27
CA THR A 361 20.16 -6.18 9.31
C THR A 361 19.06 -7.23 9.41
N ASN A 362 19.07 -8.24 8.55
CA ASN A 362 18.04 -9.29 8.50
C ASN A 362 16.65 -8.69 8.33
N LYS A 363 16.59 -7.53 7.70
CA LYS A 363 15.38 -6.77 7.45
C LYS A 363 15.08 -6.79 5.97
N ILE A 364 13.81 -6.81 5.60
CA ILE A 364 13.45 -6.63 4.21
C ILE A 364 12.96 -5.21 4.04
N HIS A 365 13.50 -4.52 3.03
CA HIS A 365 13.13 -3.15 2.70
C HIS A 365 12.51 -3.15 1.30
N THR A 366 11.21 -3.36 1.25
CA THR A 366 10.51 -3.40 -0.02
C THR A 366 10.44 -2.00 -0.61
N THR A 367 10.02 -1.92 -1.87
CA THR A 367 9.87 -0.64 -2.55
C THR A 367 8.38 -0.35 -2.71
N PHE A 368 7.93 0.74 -2.10
CA PHE A 368 6.55 1.18 -2.20
C PHE A 368 6.39 2.24 -3.29
N ASN A 369 5.47 1.97 -4.21
CA ASN A 369 5.12 2.90 -5.27
C ASN A 369 3.89 3.66 -4.79
N GLN A 370 4.00 4.98 -4.79
CA GLN A 370 2.97 5.87 -4.25
C GLN A 370 1.85 6.08 -5.25
N LEU A 371 2.19 6.23 -6.53
CA LEU A 371 1.27 6.68 -7.57
C LEU A 371 1.43 5.85 -8.83
N LYS A 372 1.37 4.53 -8.70
CA LYS A 372 1.53 3.65 -9.86
C LYS A 372 0.32 2.74 -10.01
N THR A 373 -0.65 2.87 -9.11
CA THR A 373 -1.93 2.21 -9.24
C THR A 373 -2.94 3.19 -9.82
N PHE A 374 -4.01 2.66 -10.41
CA PHE A 374 -5.06 3.52 -10.96
C PHE A 374 -5.76 4.32 -9.87
N SER A 375 -6.07 3.71 -8.73
CA SER A 375 -6.81 4.37 -7.67
C SER A 375 -5.99 5.34 -6.84
N GLY A 376 -4.67 5.18 -6.79
CA GLY A 376 -3.85 5.96 -5.88
C GLY A 376 -3.48 5.25 -4.60
N ARG A 377 -3.97 4.03 -4.38
CA ARG A 377 -3.53 3.20 -3.28
C ARG A 377 -2.04 2.91 -3.38
N PHE A 378 -1.44 2.61 -2.23
CA PHE A 378 -0.06 2.15 -2.23
C PHE A 378 0.08 0.84 -3.00
N SER A 379 1.24 0.67 -3.61
CA SER A 379 1.66 -0.64 -4.09
C SER A 379 3.07 -0.94 -3.59
N SER A 380 3.43 -2.22 -3.60
CA SER A 380 4.73 -2.64 -3.12
C SER A 380 5.36 -3.63 -4.08
N GLU A 381 6.68 -3.77 -3.98
CA GLU A 381 7.42 -4.66 -4.85
C GLU A 381 8.73 -5.05 -4.19
N LYS A 382 9.23 -6.22 -4.60
CA LYS A 382 10.49 -6.79 -4.16
C LYS A 382 10.62 -6.87 -2.65
N LEU A 385 4.22 -6.71 -0.55
CA LEU A 385 3.71 -7.08 0.77
C LEU A 385 2.20 -7.34 0.79
N GLN A 386 1.44 -6.69 -0.09
CA GLN A 386 -0.01 -6.83 -0.12
C GLN A 386 -0.48 -8.11 -0.81
N GLN A 387 0.38 -8.75 -1.59
CA GLN A 387 0.08 -10.05 -2.20
C GLN A 387 0.48 -11.19 -1.30
N ILE A 388 1.04 -10.89 -0.13
CA ILE A 388 1.33 -11.94 0.85
C ILE A 388 0.04 -12.47 1.46
N PRO A 389 -0.13 -13.79 1.53
CA PRO A 389 -1.36 -14.38 2.08
C PRO A 389 -1.68 -13.89 3.48
N ARG A 390 -2.97 -13.80 3.78
CA ARG A 390 -3.44 -13.30 5.07
C ARG A 390 -3.50 -14.38 6.14
N GLN A 391 -3.39 -15.65 5.74
CA GLN A 391 -3.47 -16.76 6.68
C GLN A 391 -2.45 -16.60 7.81
N LYS A 392 -2.89 -16.84 9.04
CA LYS A 392 -2.01 -16.73 10.21
C LYS A 392 -0.79 -17.65 10.11
N ASN A 393 -0.92 -18.73 9.32
CA ASN A 393 0.22 -19.64 9.12
C ASN A 393 1.38 -18.90 8.47
N ILE A 394 1.08 -17.86 7.69
CA ILE A 394 2.10 -17.18 6.92
C ILE A 394 2.45 -15.86 7.58
N ARG A 395 1.45 -15.16 8.10
CA ARG A 395 1.67 -13.87 8.74
C ARG A 395 2.30 -14.00 10.13
N GLU A 396 2.31 -15.20 10.73
CA GLU A 396 3.07 -15.36 11.97
C GLU A 396 4.57 -15.18 11.80
N ILE A 397 5.09 -15.21 10.57
CA ILE A 397 6.53 -15.07 10.37
C ILE A 397 7.03 -13.65 10.62
N PHE A 398 6.15 -12.66 10.62
CA PHE A 398 6.56 -11.27 10.80
C PHE A 398 6.42 -10.86 12.26
N ILE A 399 7.54 -10.43 12.86
CA ILE A 399 7.61 -10.17 14.30
C ILE A 399 8.27 -8.82 14.51
N PRO A 400 8.08 -8.23 15.68
CA PRO A 400 8.81 -7.00 16.02
C PRO A 400 10.21 -7.28 16.51
N ASN A 401 11.00 -6.21 16.60
CA ASN A 401 12.34 -6.31 17.15
C ASN A 401 12.27 -6.61 18.64
N ASP A 402 13.42 -6.94 19.22
CA ASP A 402 13.46 -7.26 20.64
C ASP A 402 13.08 -6.01 21.46
N ASN A 403 12.32 -6.24 22.52
CA ASN A 403 11.81 -5.24 23.46
C ASN A 403 10.69 -4.42 22.82
N ASN A 404 10.23 -4.79 21.63
CA ASN A 404 9.17 -4.07 20.93
C ASN A 404 8.00 -5.01 20.63
N ILE A 405 6.88 -4.40 20.25
CA ILE A 405 5.65 -5.09 19.93
C ILE A 405 4.91 -4.33 18.84
N PHE A 406 4.17 -5.08 18.03
CA PHE A 406 3.36 -4.51 16.96
C PHE A 406 2.06 -3.99 17.53
N ILE A 407 1.58 -2.90 16.95
CA ILE A 407 0.23 -2.38 17.16
C ILE A 407 -0.42 -2.30 15.79
N ILE A 408 -1.54 -3.00 15.61
CA ILE A 408 -2.17 -3.14 14.31
C ILE A 408 -3.56 -2.53 14.37
N ALA A 409 -3.90 -1.69 13.39
CA ALA A 409 -5.17 -0.98 13.35
C ALA A 409 -5.77 -1.09 11.96
N ASP A 410 -7.09 -1.17 11.90
CA ASP A 410 -7.83 -1.27 10.65
C ASP A 410 -9.06 -0.39 10.72
N PHE A 411 -9.47 0.12 9.57
CA PHE A 411 -10.81 0.68 9.41
C PHE A 411 -11.83 -0.43 9.18
N LYS A 412 -12.99 -0.28 9.79
CA LYS A 412 -14.09 -1.21 9.57
C LYS A 412 -14.95 -0.73 8.41
N GLN A 413 -14.77 -1.35 7.24
CA GLN A 413 -15.58 -1.08 6.05
C GLN A 413 -15.46 0.37 5.61
N ILE A 414 -14.23 0.82 5.37
CA ILE A 414 -13.99 2.22 5.03
C ILE A 414 -14.57 2.54 3.65
N GLU A 415 -14.42 1.62 2.70
CA GLU A 415 -14.91 1.82 1.33
C GLU A 415 -16.41 2.08 1.30
N LEU A 416 -17.19 1.25 2.00
CA LEU A 416 -18.64 1.39 1.96
C LEU A 416 -19.10 2.67 2.65
N LYS A 417 -18.43 3.07 3.73
CA LYS A 417 -18.78 4.34 4.37
C LYS A 417 -18.46 5.51 3.45
N ILE A 418 -17.33 5.43 2.75
CA ILE A 418 -17.00 6.46 1.76
C ILE A 418 -18.07 6.53 0.68
N ALA A 419 -18.54 5.37 0.21
CA ALA A 419 -19.60 5.36 -0.79
C ALA A 419 -20.87 6.01 -0.25
N ALA A 420 -21.20 5.73 1.01
CA ALA A 420 -22.40 6.30 1.61
C ALA A 420 -22.30 7.82 1.69
N GLU A 421 -21.11 8.33 2.05
CA GLU A 421 -20.93 9.78 2.13
C GLU A 421 -20.99 10.43 0.76
N ASP A 425 -26.93 7.91 -0.20
CA ASP A 425 -28.09 7.05 -0.13
C ASP A 425 -28.81 7.16 1.21
N GLU A 426 -30.09 7.56 1.18
CA GLU A 426 -30.78 7.89 2.41
C GLU A 426 -30.91 6.64 3.28
N ILE A 427 -31.39 5.55 2.69
CA ILE A 427 -31.56 4.31 3.46
C ILE A 427 -30.21 3.90 4.03
N MET A 428 -29.16 4.02 3.22
CA MET A 428 -27.82 3.62 3.63
C MET A 428 -27.32 4.53 4.74
N LEU A 429 -27.47 5.85 4.59
CA LEU A 429 -26.98 6.76 5.60
C LEU A 429 -27.71 6.55 6.92
N LYS A 430 -29.02 6.34 6.88
CA LYS A 430 -29.77 6.09 8.10
C LYS A 430 -29.33 4.78 8.74
N ALA A 431 -29.05 3.76 7.93
CA ALA A 431 -28.60 2.49 8.48
C ALA A 431 -27.24 2.64 9.14
N TYR A 432 -26.32 3.33 8.46
CA TYR A 432 -25.01 3.61 9.02
C TYR A 432 -25.12 4.40 10.32
N ASN A 433 -26.05 5.35 10.37
CA ASN A 433 -26.20 6.16 11.57
C ASN A 433 -26.77 5.35 12.71
N ASN A 434 -27.61 4.36 12.39
CA ASN A 434 -28.08 3.38 13.37
C ASN A 434 -27.07 2.25 13.56
N ASN A 435 -25.91 2.34 12.91
CA ASN A 435 -24.84 1.35 13.03
C ASN A 435 -25.29 -0.02 12.54
N ILE A 436 -26.09 -0.06 11.48
CA ILE A 436 -26.46 -1.32 10.85
C ILE A 436 -25.50 -1.62 9.70
N ASP A 437 -25.00 -2.85 9.67
CA ASP A 437 -24.04 -3.28 8.66
C ASP A 437 -24.67 -3.27 7.27
N LEU A 438 -23.92 -2.78 6.28
CA LEU A 438 -24.44 -2.66 4.93
C LEU A 438 -24.71 -4.02 4.30
N HIS A 439 -23.92 -5.02 4.67
CA HIS A 439 -24.11 -6.35 4.12
C HIS A 439 -25.30 -7.05 4.77
N THR A 440 -25.46 -6.90 6.09
CA THR A 440 -26.70 -7.35 6.72
C THR A 440 -27.91 -6.69 6.04
N LEU A 441 -27.83 -5.38 5.82
CA LEU A 441 -28.91 -4.67 5.12
C LEU A 441 -29.24 -5.34 3.79
N THR A 442 -28.25 -5.46 2.92
CA THR A 442 -28.50 -6.05 1.60
C THR A 442 -29.00 -7.49 1.71
N ALA A 443 -28.51 -8.24 2.69
CA ALA A 443 -29.02 -9.59 2.91
C ALA A 443 -30.49 -9.56 3.26
N SER A 444 -30.91 -8.60 4.09
CA SER A 444 -32.30 -8.48 4.47
C SER A 444 -33.15 -8.04 3.29
N ILE A 445 -32.55 -7.35 2.33
CA ILE A 445 -33.30 -6.95 1.14
C ILE A 445 -33.45 -8.10 0.16
N ILE A 446 -32.37 -8.86 -0.06
CA ILE A 446 -32.41 -9.97 -1.01
C ILE A 446 -33.25 -11.12 -0.47
N THR A 447 -33.02 -11.53 0.77
CA THR A 447 -33.68 -12.68 1.39
C THR A 447 -35.07 -12.35 1.92
N LYS A 448 -35.38 -11.07 2.10
CA LYS A 448 -36.61 -10.60 2.75
C LYS A 448 -36.68 -10.96 4.23
N LYS A 449 -35.56 -11.37 4.81
CA LYS A 449 -35.52 -11.67 6.24
C LYS A 449 -35.30 -10.37 7.00
N ASN A 450 -35.61 -10.38 8.28
CA ASN A 450 -35.25 -9.27 9.14
C ASN A 450 -33.82 -9.39 9.67
N ILE A 451 -33.26 -8.24 10.04
CA ILE A 451 -31.84 -8.18 10.39
C ILE A 451 -31.47 -9.17 11.49
N PRO A 452 -32.30 -9.40 12.52
CA PRO A 452 -31.93 -10.41 13.53
C PRO A 452 -31.85 -11.82 12.99
N ASP A 453 -32.52 -12.12 11.88
CA ASP A 453 -32.55 -13.46 11.31
C ASP A 453 -31.55 -13.65 10.16
N ILE A 454 -30.55 -12.77 10.05
CA ILE A 454 -29.58 -12.84 8.97
C ILE A 454 -28.33 -13.51 9.53
N ASN A 455 -27.91 -14.61 8.91
CA ASN A 455 -26.78 -15.40 9.35
C ASN A 455 -25.52 -15.05 8.56
N LYS A 456 -24.39 -15.62 8.98
CA LYS A 456 -23.11 -15.26 8.37
C LYS A 456 -23.08 -15.62 6.88
N GLU A 457 -23.71 -16.73 6.50
CA GLU A 457 -23.72 -17.08 5.08
C GLU A 457 -24.52 -16.04 4.30
N ASP A 458 -25.59 -15.53 4.91
CA ASP A 458 -26.37 -14.47 4.29
C ASP A 458 -25.52 -13.22 4.09
N ARG A 459 -24.73 -12.87 5.12
CA ARG A 459 -23.90 -11.68 5.01
C ARG A 459 -22.81 -11.88 3.96
N HIS A 460 -22.25 -13.10 3.88
CA HIS A 460 -21.20 -13.35 2.89
C HIS A 460 -21.75 -13.20 1.48
N ILE A 461 -22.92 -13.79 1.23
CA ILE A 461 -23.58 -13.63 -0.07
C ILE A 461 -23.86 -12.15 -0.33
N ALA A 462 -24.34 -11.43 0.69
CA ALA A 462 -24.65 -10.02 0.49
C ALA A 462 -23.39 -9.22 0.21
N LYS A 463 -22.29 -9.58 0.85
CA LYS A 463 -20.99 -8.97 0.58
C LYS A 463 -20.63 -9.11 -0.89
N ALA A 464 -20.78 -10.32 -1.43
CA ALA A 464 -20.43 -10.54 -2.83
C ALA A 464 -21.36 -9.75 -3.74
N ILE A 465 -22.65 -9.71 -3.40
CA ILE A 465 -23.62 -8.97 -4.19
C ILE A 465 -23.28 -7.49 -4.17
N ASN A 466 -22.96 -6.98 -2.99
CA ASN A 466 -22.70 -5.55 -2.80
C ASN A 466 -21.48 -5.15 -3.61
N PHE A 467 -20.35 -5.82 -3.39
CA PHE A 467 -19.17 -5.44 -4.15
C PHE A 467 -19.36 -5.62 -5.65
N GLY A 468 -20.13 -6.62 -6.10
CA GLY A 468 -20.30 -6.79 -7.53
C GLY A 468 -21.20 -5.74 -8.16
N LEU A 469 -22.39 -5.53 -7.58
CA LEU A 469 -23.39 -4.64 -8.17
C LEU A 469 -23.13 -3.16 -7.88
N ILE A 470 -22.63 -2.85 -6.68
CA ILE A 470 -22.35 -1.45 -6.33
C ILE A 470 -21.31 -0.88 -7.27
N TYR A 471 -20.40 -1.72 -7.77
CA TYR A 471 -19.33 -1.27 -8.65
C TYR A 471 -19.67 -1.47 -10.12
N GLY A 472 -20.91 -1.85 -10.43
CA GLY A 472 -21.43 -1.75 -11.78
C GLY A 472 -21.54 -3.03 -12.59
N MET A 473 -21.36 -4.20 -11.98
CA MET A 473 -21.48 -5.44 -12.73
C MET A 473 -22.93 -5.69 -13.11
N ASN A 474 -23.14 -6.47 -14.17
CA ASN A 474 -24.48 -7.00 -14.42
C ASN A 474 -24.61 -8.41 -13.85
N TYR A 475 -25.82 -8.96 -13.92
CA TYR A 475 -26.07 -10.23 -13.24
C TYR A 475 -25.29 -11.38 -13.86
N VAL A 476 -25.00 -11.33 -15.16
CA VAL A 476 -24.18 -12.38 -15.75
C VAL A 476 -22.77 -12.32 -15.20
N ASN A 477 -22.15 -11.14 -15.26
CA ASN A 477 -20.82 -10.96 -14.68
C ASN A 477 -20.85 -11.23 -13.17
N LEU A 478 -21.95 -10.86 -12.51
CA LEU A 478 -22.09 -11.10 -11.08
C LEU A 478 -22.04 -12.59 -10.75
N LYS A 479 -22.78 -13.41 -11.49
CA LYS A 479 -22.73 -14.85 -11.26
C LYS A 479 -21.31 -15.37 -11.34
N ASN A 480 -20.59 -15.00 -12.40
CA ASN A 480 -19.23 -15.50 -12.58
C ASN A 480 -18.30 -15.01 -11.48
N TYR A 481 -18.37 -13.72 -11.14
CA TYR A 481 -17.51 -13.18 -10.09
C TYR A 481 -17.78 -13.86 -8.76
N ALA A 482 -19.07 -14.07 -8.44
CA ALA A 482 -19.46 -14.69 -7.19
C ALA A 482 -18.94 -16.12 -7.12
N ASN A 483 -19.23 -16.93 -8.15
CA ASN A 483 -18.81 -18.32 -8.10
C ASN A 483 -17.29 -18.44 -8.12
N THR A 484 -16.61 -17.52 -8.81
CA THR A 484 -15.16 -17.58 -8.92
C THR A 484 -14.46 -17.23 -7.61
N TYR A 485 -14.80 -16.08 -7.02
CA TYR A 485 -14.05 -15.56 -5.88
C TYR A 485 -14.69 -15.85 -4.53
N TYR A 486 -15.97 -16.21 -4.49
CA TYR A 486 -16.67 -16.52 -3.25
C TYR A 486 -17.11 -17.97 -3.18
N GLY A 487 -16.99 -18.71 -4.28
CA GLY A 487 -17.35 -20.11 -4.31
C GLY A 487 -18.80 -20.38 -3.96
N LEU A 488 -19.72 -19.73 -4.66
CA LEU A 488 -21.14 -19.80 -4.37
C LEU A 488 -21.86 -20.55 -5.48
N ASN A 489 -22.85 -21.34 -5.10
CA ASN A 489 -23.62 -22.14 -6.06
C ASN A 489 -24.93 -21.44 -6.38
N MET A 490 -24.84 -20.23 -6.92
CA MET A 490 -26.03 -19.50 -7.36
C MET A 490 -26.37 -19.82 -8.82
N SER A 491 -27.62 -19.57 -9.19
CA SER A 491 -28.11 -19.79 -10.54
C SER A 491 -28.25 -18.46 -11.26
N LEU A 492 -28.35 -18.51 -12.59
CA LEU A 492 -28.49 -17.28 -13.35
C LEU A 492 -29.78 -16.55 -12.98
N ASP A 493 -30.87 -17.28 -12.82
CA ASP A 493 -32.15 -16.69 -12.43
C ASP A 493 -32.06 -16.04 -11.06
N GLN A 494 -31.26 -16.63 -10.16
CA GLN A 494 -31.06 -16.04 -8.85
C GLN A 494 -30.30 -14.73 -8.95
N CYS A 495 -29.11 -14.74 -9.54
CA CYS A 495 -28.36 -13.48 -9.66
C CYS A 495 -29.16 -12.41 -10.42
N LEU A 496 -30.06 -12.83 -11.33
CA LEU A 496 -30.93 -11.87 -12.00
C LEU A 496 -31.97 -11.29 -11.04
N TYR A 497 -32.46 -12.13 -10.12
CA TYR A 497 -33.36 -11.63 -9.09
C TYR A 497 -32.64 -10.68 -8.15
N PHE A 498 -31.41 -11.06 -7.77
CA PHE A 498 -30.57 -10.19 -6.96
C PHE A 498 -30.40 -8.84 -7.64
N TYR A 499 -30.12 -8.85 -8.95
CA TYR A 499 -29.91 -7.63 -9.70
C TYR A 499 -31.14 -6.74 -9.65
N ASN A 500 -32.31 -7.33 -9.96
CA ASN A 500 -33.53 -6.54 -10.01
C ASN A 500 -33.92 -6.02 -8.63
N SER A 501 -33.75 -6.85 -7.58
CA SER A 501 -34.08 -6.40 -6.24
C SER A 501 -33.12 -5.31 -5.78
N LYS A 507 -32.35 4.49 -2.35
CA LYS A 507 -32.78 5.43 -3.37
C LYS A 507 -31.61 6.31 -3.81
N GLY A 508 -30.70 6.55 -2.87
CA GLY A 508 -29.50 7.30 -3.17
C GLY A 508 -28.61 6.59 -4.17
N ILE A 509 -28.43 5.29 -3.97
CA ILE A 509 -27.60 4.51 -4.90
C ILE A 509 -28.23 4.49 -6.27
N TYR A 510 -29.55 4.26 -6.35
CA TYR A 510 -30.24 4.26 -7.63
C TYR A 510 -30.03 5.59 -8.35
N LYS A 511 -30.20 6.70 -7.63
CA LYS A 511 -30.03 8.02 -8.23
C LYS A 511 -28.60 8.24 -8.68
N TRP A 512 -27.62 7.86 -7.85
CA TRP A 512 -26.23 8.07 -8.21
C TRP A 512 -25.83 7.23 -9.42
N HIS A 513 -26.26 5.97 -9.43
CA HIS A 513 -25.99 5.11 -10.58
C HIS A 513 -26.62 5.68 -11.84
N ASN A 514 -27.87 6.16 -11.74
CA ASN A 514 -28.52 6.71 -12.91
C ASN A 514 -27.80 7.97 -13.39
N GLN A 515 -27.31 8.80 -12.45
CA GLN A 515 -26.55 9.98 -12.83
C GLN A 515 -25.28 9.60 -13.56
N VAL A 516 -24.59 8.56 -13.08
CA VAL A 516 -23.36 8.13 -13.72
C VAL A 516 -23.66 7.59 -15.12
N LYS A 517 -24.71 6.78 -15.23
CA LYS A 517 -25.10 6.24 -16.54
C LYS A 517 -25.44 7.37 -17.51
N GLN A 518 -26.22 8.36 -17.06
CA GLN A 518 -26.68 9.42 -17.93
C GLN A 518 -25.54 10.33 -18.38
N LYS A 519 -24.70 10.78 -17.43
CA LYS A 519 -23.67 11.75 -17.78
C LYS A 519 -22.59 11.15 -18.68
N ARG A 520 -22.31 9.86 -18.52
CA ARG A 520 -21.25 9.17 -19.26
C ARG A 520 -19.97 9.99 -19.25
N ALA A 521 -19.64 10.54 -18.08
CA ALA A 521 -18.49 11.43 -17.98
C ALA A 521 -17.18 10.64 -18.00
N LEU A 522 -16.09 11.35 -18.32
CA LEU A 522 -14.77 10.74 -18.32
C LEU A 522 -13.88 11.22 -17.19
N GLN A 523 -14.21 12.35 -16.58
CA GLN A 523 -13.42 12.94 -15.51
C GLN A 523 -14.14 12.76 -14.19
N TYR A 524 -13.44 12.16 -13.22
CA TYR A 524 -14.02 11.94 -11.91
C TYR A 524 -13.03 12.38 -10.84
N SER A 525 -13.57 12.67 -9.64
CA SER A 525 -12.76 13.16 -8.55
C SER A 525 -13.19 12.54 -7.24
N THR A 526 -12.29 12.57 -6.26
CA THR A 526 -12.53 12.07 -4.92
C THR A 526 -12.88 13.22 -3.98
N LEU A 527 -13.10 12.89 -2.70
CA LEU A 527 -13.38 13.92 -1.71
C LEU A 527 -12.16 14.79 -1.43
N SER A 528 -10.94 14.30 -1.66
CA SER A 528 -9.77 15.18 -1.62
C SER A 528 -9.65 16.01 -2.90
N ASN A 529 -10.55 15.80 -3.86
CA ASN A 529 -10.50 16.32 -5.22
C ASN A 529 -9.24 15.93 -6.01
N ARG A 530 -8.61 14.81 -5.62
CA ARG A 530 -7.80 14.00 -6.54
C ARG A 530 -8.66 13.65 -7.75
N LYS A 531 -8.10 13.64 -8.97
CA LYS A 531 -8.85 13.55 -10.24
C LYS A 531 -8.34 12.50 -11.19
N VAL A 532 -9.18 12.04 -12.13
CA VAL A 532 -8.77 11.08 -13.15
C VAL A 532 -9.59 11.38 -14.39
N ILE A 533 -9.01 11.07 -15.56
CA ILE A 533 -9.70 11.18 -16.84
C ILE A 533 -9.57 9.83 -17.55
N PHE A 534 -10.70 9.24 -17.87
CA PHE A 534 -10.73 7.94 -18.53
C PHE A 534 -10.39 8.07 -20.00
N PRO A 535 -9.78 7.04 -20.61
CA PRO A 535 -9.64 7.03 -22.07
C PRO A 535 -10.95 6.81 -22.77
N TYR A 536 -11.87 6.09 -22.13
CA TYR A 536 -13.23 5.88 -22.63
C TYR A 536 -14.10 5.62 -21.41
N PHE A 537 -15.41 5.70 -21.60
CA PHE A 537 -16.28 5.64 -20.43
C PHE A 537 -16.51 4.19 -20.04
N SER A 538 -16.27 3.90 -18.77
CA SER A 538 -16.58 2.61 -18.18
C SER A 538 -17.37 2.86 -16.91
N PHE A 539 -18.59 2.33 -16.87
CA PHE A 539 -19.48 2.55 -15.74
C PHE A 539 -18.82 2.05 -14.46
N THR A 540 -18.24 0.84 -14.51
CA THR A 540 -17.70 0.20 -13.32
C THR A 540 -16.45 0.92 -12.81
N LYS A 541 -15.61 1.44 -13.70
CA LYS A 541 -14.44 2.17 -13.23
C LYS A 541 -14.84 3.53 -12.67
N ALA A 542 -15.89 4.13 -13.25
CA ALA A 542 -16.39 5.38 -12.72
C ALA A 542 -16.95 5.20 -11.32
N LEU A 543 -17.59 4.06 -11.08
CA LEU A 543 -18.09 3.79 -9.73
C LEU A 543 -16.96 3.49 -8.77
N ASN A 544 -15.92 2.78 -9.23
CA ASN A 544 -14.89 2.27 -8.33
C ASN A 544 -13.86 3.32 -7.93
N TYR A 545 -13.55 4.26 -8.81
CA TYR A 545 -12.44 5.19 -8.55
C TYR A 545 -12.60 6.10 -7.33
N PRO A 546 -13.69 6.86 -7.16
CA PRO A 546 -13.79 7.74 -5.98
C PRO A 546 -13.71 7.05 -4.63
N VAL A 547 -14.19 5.81 -4.53
CA VAL A 547 -14.15 5.09 -3.25
C VAL A 547 -12.73 4.69 -2.90
N GLN A 548 -12.03 4.03 -3.82
CA GLN A 548 -10.68 3.60 -3.49
C GLN A 548 -9.74 4.79 -3.34
N GLY A 549 -9.91 5.82 -4.16
CA GLY A 549 -9.02 6.97 -4.02
C GLY A 549 -9.25 7.72 -2.72
N THR A 550 -10.49 7.75 -2.23
CA THR A 550 -10.74 8.37 -0.94
C THR A 550 -10.18 7.52 0.19
N CYS A 551 -10.30 6.19 0.09
CA CYS A 551 -9.63 5.31 1.04
C CYS A 551 -8.14 5.59 1.11
N ALA A 552 -7.50 5.73 -0.06
CA ALA A 552 -6.09 6.10 -0.10
C ALA A 552 -5.82 7.42 0.62
N ASP A 553 -6.61 8.45 0.32
CA ASP A 553 -6.45 9.74 0.99
C ASP A 553 -6.54 9.59 2.51
N ILE A 554 -7.52 8.83 2.98
CA ILE A 554 -7.76 8.71 4.42
C ILE A 554 -6.60 8.00 5.09
N LEU A 555 -6.17 6.88 4.51
CA LEU A 555 -5.06 6.13 5.09
C LEU A 555 -3.78 6.98 5.12
N LYS A 556 -3.53 7.71 4.03
CA LYS A 556 -2.32 8.53 3.94
C LYS A 556 -2.35 9.67 4.96
N LEU A 557 -3.50 10.31 5.16
CA LEU A 557 -3.58 11.33 6.20
C LEU A 557 -3.42 10.72 7.58
N ALA A 558 -3.87 9.48 7.77
CA ALA A 558 -3.67 8.83 9.05
C ALA A 558 -2.19 8.57 9.27
N LEU A 559 -1.46 8.26 8.19
CA LEU A 559 -0.02 8.07 8.30
C LEU A 559 0.69 9.38 8.60
N VAL A 560 0.16 10.50 8.09
CA VAL A 560 0.79 11.79 8.34
C VAL A 560 0.64 12.18 9.80
N ASP A 561 -0.59 12.08 10.31
CA ASP A 561 -0.81 12.37 11.72
C ASP A 561 -0.03 11.41 12.61
N LEU A 562 0.00 10.12 12.25
CA LEU A 562 0.74 9.17 13.08
C LEU A 562 2.23 9.49 13.11
N TYR A 563 2.81 9.83 11.96
CA TYR A 563 4.23 10.17 11.90
C TYR A 563 4.55 11.37 12.74
N ASP A 564 3.64 12.35 12.79
CA ASP A 564 3.92 13.49 13.64
C ASP A 564 3.71 13.16 15.12
N ASN A 565 2.70 12.38 15.43
CA ASN A 565 2.35 12.06 16.81
C ASN A 565 3.28 11.04 17.45
N LEU A 566 4.07 10.30 16.67
CA LEU A 566 4.93 9.25 17.21
C LEU A 566 6.32 9.72 17.58
N LYS A 567 6.74 10.91 17.16
CA LYS A 567 8.10 11.35 17.44
C LYS A 567 8.38 11.35 18.94
N ASP A 568 7.40 11.81 19.73
CA ASP A 568 7.57 11.95 21.17
C ASP A 568 7.95 10.64 21.84
N ILE A 569 7.45 9.52 21.35
CA ILE A 569 7.73 8.20 21.93
C ILE A 569 8.57 7.34 20.99
N ASN A 570 9.30 7.95 20.05
CA ASN A 570 10.15 7.23 19.11
C ASN A 570 9.41 6.08 18.43
N GLY A 571 8.16 6.31 18.06
CA GLY A 571 7.40 5.29 17.38
C GLY A 571 7.92 5.02 15.99
N LYS A 572 7.72 3.78 15.52
CA LYS A 572 8.19 3.35 14.22
C LYS A 572 7.01 2.95 13.36
N ILE A 573 6.94 3.49 12.15
CA ILE A 573 5.93 3.08 11.20
C ILE A 573 6.44 1.88 10.42
N ILE A 574 5.65 0.80 10.42
CA ILE A 574 6.06 -0.47 9.85
C ILE A 574 5.40 -0.71 8.50
N LEU A 575 4.07 -0.63 8.45
CA LEU A 575 3.34 -1.18 7.32
C LEU A 575 2.03 -0.44 7.13
N CYS A 576 1.57 -0.39 5.88
CA CYS A 576 0.25 0.10 5.52
C CYS A 576 -0.26 -0.78 4.38
N VAL A 577 -1.33 -1.51 4.63
CA VAL A 577 -1.94 -2.36 3.60
C VAL A 577 -3.44 -2.14 3.68
N HIS A 578 -4.10 -2.13 2.52
CA HIS A 578 -5.55 -1.93 2.44
C HIS A 578 -5.92 -0.69 3.24
N ASP A 579 -6.77 -0.86 4.25
CA ASP A 579 -7.19 0.22 5.13
C ASP A 579 -6.66 0.03 6.54
N GLU A 580 -5.51 -0.60 6.68
CA GLU A 580 -4.90 -0.93 7.95
C GLU A 580 -3.46 -0.47 7.99
N ILE A 581 -3.00 -0.11 9.19
CA ILE A 581 -1.61 0.27 9.45
C ILE A 581 -1.05 -0.56 10.60
N ILE A 582 0.23 -0.89 10.51
CA ILE A 582 0.95 -1.60 11.56
C ILE A 582 2.13 -0.73 11.96
N ILE A 583 2.28 -0.49 13.26
CA ILE A 583 3.42 0.20 13.86
C ILE A 583 4.12 -0.73 14.84
N GLU A 584 5.38 -0.41 15.13
CA GLU A 584 6.17 -1.17 16.10
C GLU A 584 6.66 -0.18 17.13
N VAL A 585 6.40 -0.46 18.41
CA VAL A 585 6.78 0.44 19.49
C VAL A 585 7.26 -0.38 20.67
N ASN A 586 8.02 0.26 21.56
CA ASN A 586 8.39 -0.39 22.81
C ASN A 586 7.13 -0.74 23.57
N LYS A 587 7.18 -1.85 24.31
CA LYS A 587 5.98 -2.35 24.98
C LYS A 587 5.44 -1.39 26.03
N LYS A 588 6.29 -0.53 26.59
CA LYS A 588 5.79 0.34 27.64
C LYS A 588 4.92 1.47 27.12
N PHE A 589 5.14 1.92 25.89
CA PHE A 589 4.23 2.88 25.29
C PHE A 589 3.10 2.20 24.53
N GLN A 590 2.87 0.91 24.77
CA GLN A 590 1.90 0.18 23.94
C GLN A 590 0.55 0.87 23.90
N GLU A 591 -0.10 1.03 25.05
CA GLU A 591 -1.43 1.58 25.05
C GLU A 591 -1.41 3.04 24.61
N GLU A 592 -0.32 3.75 24.90
CA GLU A 592 -0.26 5.14 24.48
C GLU A 592 -0.18 5.22 22.98
N ALA A 593 0.57 4.30 22.36
CA ALA A 593 0.65 4.37 20.91
C ALA A 593 -0.67 3.91 20.32
N LEU A 594 -1.33 2.97 21.01
CA LEU A 594 -2.67 2.57 20.58
C LEU A 594 -3.58 3.79 20.48
N LYS A 595 -3.47 4.70 21.44
CA LYS A 595 -4.36 5.85 21.40
C LYS A 595 -3.90 6.79 20.32
N ILE A 596 -2.58 6.96 20.21
CA ILE A 596 -2.06 7.81 19.15
C ILE A 596 -2.55 7.28 17.82
N LEU A 597 -2.44 5.97 17.63
CA LEU A 597 -2.82 5.39 16.36
C LEU A 597 -4.30 5.61 16.12
N VAL A 598 -5.12 5.40 17.16
CA VAL A 598 -6.55 5.56 16.97
C VAL A 598 -6.86 7.00 16.65
N GLN A 599 -6.21 7.92 17.36
CA GLN A 599 -6.52 9.32 17.15
C GLN A 599 -5.93 9.78 15.83
N SER A 600 -4.82 9.17 15.42
CA SER A 600 -4.28 9.50 14.11
C SER A 600 -5.27 9.13 13.01
N MET A 601 -5.94 7.99 13.16
CA MET A 601 -6.90 7.56 12.14
C MET A 601 -8.24 8.27 12.26
N GLU A 602 -8.71 8.47 13.49
CA GLU A 602 -9.99 9.15 13.68
C GLU A 602 -9.95 10.58 13.20
N ASN A 603 -8.89 11.32 13.53
CA ASN A 603 -8.84 12.70 13.08
C ASN A 603 -8.80 12.73 11.56
N SER A 604 -8.08 11.78 10.96
CA SER A 604 -8.06 11.71 9.51
C SER A 604 -9.46 11.49 8.97
N ALA A 605 -10.16 10.50 9.52
CA ALA A 605 -11.53 10.27 9.08
C ALA A 605 -12.38 11.50 9.31
N SER A 606 -12.17 12.18 10.45
CA SER A 606 -12.95 13.39 10.71
C SER A 606 -12.70 14.45 9.66
N TYR A 607 -11.52 14.43 9.03
CA TYR A 607 -11.25 15.49 8.04
C TYR A 607 -12.11 15.27 6.80
N PHE A 608 -12.40 14.00 6.47
CA PHE A 608 -13.14 13.74 5.22
C PHE A 608 -14.61 13.42 5.41
N LEU A 609 -15.00 12.76 6.49
CA LEU A 609 -16.38 12.32 6.65
C LEU A 609 -17.08 13.22 7.66
N LYS A 610 -18.17 13.86 7.22
CA LYS A 610 -18.91 14.78 8.06
C LYS A 610 -20.25 14.22 8.50
N LYS A 611 -20.73 13.16 7.85
CA LYS A 611 -22.05 12.60 8.11
C LYS A 611 -22.03 11.18 8.66
N VAL A 612 -20.86 10.59 8.87
CA VAL A 612 -20.75 9.20 9.34
C VAL A 612 -19.47 9.03 10.13
N LYS A 613 -19.53 8.22 11.19
CA LYS A 613 -18.38 8.02 12.04
C LYS A 613 -17.75 6.66 11.76
N CYS A 614 -16.42 6.64 11.63
CA CYS A 614 -15.67 5.42 11.38
C CYS A 614 -15.51 4.60 12.65
N GLU A 615 -15.08 3.35 12.49
CA GLU A 615 -14.75 2.44 13.57
C GLU A 615 -13.36 1.84 13.32
N VAL A 616 -12.49 1.98 14.31
CA VAL A 616 -11.12 1.49 14.22
C VAL A 616 -11.00 0.24 15.09
N SER A 617 -10.62 -0.87 14.47
CA SER A 617 -10.27 -2.08 15.21
C SER A 617 -8.76 -2.14 15.41
N VAL A 618 -8.34 -2.25 16.66
CA VAL A 618 -6.92 -2.19 17.00
C VAL A 618 -6.58 -3.33 17.94
N LYS A 619 -5.37 -3.87 17.76
CA LYS A 619 -4.89 -4.97 18.59
C LYS A 619 -3.40 -4.82 18.85
N ILE A 620 -2.98 -5.30 20.02
CA ILE A 620 -1.57 -5.35 20.40
C ILE A 620 -1.08 -6.77 20.17
N ALA A 621 -0.02 -6.92 19.37
CA ALA A 621 0.40 -8.25 18.96
C ALA A 621 1.92 -8.40 18.99
N GLU A 622 2.36 -9.65 19.14
CA GLU A 622 3.77 -9.99 19.01
C GLU A 622 4.10 -10.58 17.65
N ASN A 623 3.10 -10.78 16.80
CA ASN A 623 3.29 -11.25 15.43
C ASN A 623 2.15 -10.70 14.58
N TRP A 624 2.34 -10.72 13.26
CA TRP A 624 1.28 -10.22 12.38
C TRP A 624 0.11 -11.19 12.29
N GLY A 625 0.28 -12.43 12.76
CA GLY A 625 -0.81 -13.40 12.66
C GLY A 625 -1.84 -13.30 13.76
N SER A 626 -1.50 -12.63 14.87
CA SER A 626 -2.41 -12.49 16.01
C SER A 626 -3.73 -11.83 15.65
N LYS A 627 -3.74 -10.91 14.67
CA LYS A 627 -5.00 -10.28 14.28
C LYS A 627 -5.98 -11.31 13.71
N ASP A 628 -5.49 -12.24 12.92
CA ASP A 628 -6.33 -13.27 12.32
C ASP A 628 -6.57 -14.42 13.28
#